data_9QAQ
#
_entry.id   9QAQ
#
_cell.length_a   56.484
_cell.length_b   85.119
_cell.length_c   133.829
_cell.angle_alpha   90
_cell.angle_beta   90
_cell.angle_gamma   90
#
_symmetry.space_group_name_H-M   'P 21 21 21'
#
loop_
_entity.id
_entity.type
_entity.pdbx_description
1 polymer 'Angiotensin-converting enzyme, soluble form'
2 branched beta-D-mannopyranose-(1-4)-2-acetamido-2-deoxy-beta-D-glucopyranose-(1-4)-[alpha-L-fucopyranose-(1-6)]2-acetamido-2-deoxy-beta-D-glucopyranose
3 non-polymer 'ZINC ION'
4 non-polymer 'CHLORIDE ION'
5 non-polymer IMIDAZOLE
6 non-polymer 1,2-ETHANEDIOL
7 non-polymer PERINDOPRILAT
8 non-polymer 2-acetamido-2-deoxy-beta-D-glucopyranose
9 water water
#
_entity_poly.entity_id   1
_entity_poly.type   'polypeptide(L)'
_entity_poly.pdbx_seq_one_letter_code
;DEAEASKFVEEYDRTSQVVWNEYAGANWNYNTNITTETSKILLQKNMQIAQHTLKYGTQARKFDVNQLQNTTIKRIIKKV
QDLERAALPAQELEEYNKILLDMETTYSVATVCHPQGSCLQLEPDLTNVMATSRKYEDLLWAWEGWRDKAGRAILQFYPK
YVELINQAARLNGYVDAGDSWRSMYETPSLEQDLERLFQELQPLYLNLHAYVRRALHRHYGAQHINLEGPIPAHLLGNMW
AQTWSNIYDLVVPFPSAPSMDTTEAMLKQGWTPRRMFKEADDFFTSLGLLPVPPEFWQKSMLEKPDDGREVVCHASAWDF
YNGKDFRIKQCTTVNLEDLVVAHHEMGHIQYFMQYKDLPVALREGANPGFHEAIGDVLALSVSTPKHLHSLNLLSSEGGS
DEHDINFLMKMALDKIAFIPFSYLVDQWRWRVFDGSITKENYNQEWWSLRLKYQGL(CSO)PPVPRTQGDFDPGAKFHIP
SSVPYIRYFVSFIIQFQFHEALCQAAGHTGPLHKCDIYQSKEAGQRLATAMKLGFSRPWPEAMQLITGQPQMSASAMLSY
FKPLLDWLRTENELHGEKLGWP
;
_entity_poly.pdbx_strand_id   A
#
loop_
_chem_comp.id
_chem_comp.type
_chem_comp.name
_chem_comp.formula
BMA D-saccharide, beta linking beta-D-mannopyranose 'C6 H12 O6'
CL non-polymer 'CHLORIDE ION' 'Cl -1'
EDO non-polymer 1,2-ETHANEDIOL 'C2 H6 O2'
FUC L-saccharide, alpha linking alpha-L-fucopyranose 'C6 H12 O5'
IMD non-polymer IMIDAZOLE 'C3 H5 N2 1'
NAG D-saccharide, beta linking 2-acetamido-2-deoxy-beta-D-glucopyranose 'C8 H15 N O6'
X94 non-polymer PERINDOPRILAT 'C17 H28 N2 O5'
ZN non-polymer 'ZINC ION' 'Zn 2'
#
# COMPACT_ATOMS: atom_id res chain seq x y z
N ASP A 1 -8.77 -39.63 -6.60
CA ASP A 1 -9.64 -39.62 -7.80
C ASP A 1 -9.87 -38.19 -8.29
N GLU A 2 -9.61 -37.99 -9.59
CA GLU A 2 -9.74 -36.69 -10.22
C GLU A 2 -11.19 -36.20 -10.16
N ALA A 3 -12.15 -37.10 -10.25
CA ALA A 3 -13.53 -36.69 -10.32
C ALA A 3 -14.01 -36.23 -8.95
N GLU A 4 -13.56 -36.84 -7.86
CA GLU A 4 -13.97 -36.37 -6.56
C GLU A 4 -13.31 -35.00 -6.28
N ALA A 5 -12.11 -34.79 -6.85
CA ALA A 5 -11.39 -33.55 -6.54
C ALA A 5 -12.04 -32.38 -7.26
N SER A 6 -12.42 -32.61 -8.52
CA SER A 6 -13.13 -31.67 -9.37
C SER A 6 -14.50 -31.27 -8.80
N LYS A 7 -15.25 -32.24 -8.22
CA LYS A 7 -16.54 -31.97 -7.59
C LYS A 7 -16.37 -31.12 -6.30
N PHE A 8 -15.30 -31.43 -5.54
CA PHE A 8 -15.01 -30.69 -4.35
C PHE A 8 -14.75 -29.21 -4.66
N VAL A 9 -14.05 -28.93 -5.76
CA VAL A 9 -13.65 -27.56 -6.09
C VAL A 9 -14.86 -26.80 -6.60
N GLU A 10 -15.71 -27.54 -7.30
CA GLU A 10 -17.01 -26.99 -7.70
C GLU A 10 -17.85 -26.64 -6.49
N GLU A 11 -17.91 -27.54 -5.49
CA GLU A 11 -18.74 -27.28 -4.32
C GLU A 11 -18.16 -26.15 -3.46
N TYR A 12 -16.81 -26.16 -3.29
CA TYR A 12 -16.12 -25.07 -2.61
C TYR A 12 -16.48 -23.74 -3.27
N ASP A 13 -16.39 -23.67 -4.58
CA ASP A 13 -16.58 -22.41 -5.27
C ASP A 13 -18.00 -21.86 -5.08
N ARG A 14 -19.05 -22.68 -5.28
CA ARG A 14 -20.42 -22.15 -5.15
C ARG A 14 -20.73 -21.68 -3.74
N THR A 15 -20.33 -22.47 -2.74
CA THR A 15 -20.55 -22.18 -1.32
C THR A 15 -19.69 -21.02 -0.80
N SER A 16 -18.44 -20.88 -1.26
CA SER A 16 -17.61 -19.71 -0.89
C SER A 16 -18.23 -18.38 -1.35
N GLN A 17 -18.73 -18.31 -2.57
CA GLN A 17 -19.34 -17.10 -3.09
C GLN A 17 -20.38 -16.53 -2.14
N VAL A 18 -21.26 -17.42 -1.66
CA VAL A 18 -22.35 -17.00 -0.81
C VAL A 18 -21.83 -16.49 0.52
N VAL A 19 -21.04 -17.31 1.20
CA VAL A 19 -20.58 -16.95 2.54
C VAL A 19 -19.64 -15.71 2.52
N TRP A 20 -18.70 -15.67 1.56
CA TRP A 20 -17.79 -14.53 1.43
C TRP A 20 -18.59 -13.25 1.15
N ASN A 21 -19.66 -13.36 0.35
CA ASN A 21 -20.49 -12.21 0.02
C ASN A 21 -21.12 -11.65 1.29
N GLU A 22 -21.56 -12.53 2.20
CA GLU A 22 -22.20 -12.07 3.41
C GLU A 22 -21.16 -11.44 4.30
N TYR A 23 -20.00 -12.07 4.35
CA TYR A 23 -19.00 -11.56 5.28
C TYR A 23 -18.58 -10.14 4.87
N ALA A 24 -18.33 -9.98 3.57
CA ALA A 24 -17.95 -8.70 2.98
C ALA A 24 -18.98 -7.59 3.30
N GLY A 25 -20.29 -7.93 3.22
CA GLY A 25 -21.42 -7.09 3.63
C GLY A 25 -21.28 -6.59 5.05
N ALA A 26 -21.09 -7.50 5.99
CA ALA A 26 -20.99 -7.07 7.39
C ALA A 26 -19.71 -6.27 7.69
N ASN A 27 -18.60 -6.63 7.04
CA ASN A 27 -17.35 -5.90 7.27
C ASN A 27 -17.51 -4.47 6.77
N TRP A 28 -18.08 -4.35 5.55
CA TRP A 28 -18.35 -3.09 4.90
C TRP A 28 -19.17 -2.19 5.85
N ASN A 29 -20.18 -2.84 6.45
CA ASN A 29 -21.15 -2.09 7.27
C ASN A 29 -20.48 -1.60 8.53
N TYR A 30 -19.65 -2.44 9.13
CA TYR A 30 -18.84 -1.95 10.23
C TYR A 30 -17.91 -0.81 9.81
N ASN A 31 -17.12 -1.03 8.75
CA ASN A 31 -16.10 -0.11 8.28
C ASN A 31 -16.68 1.26 7.94
N THR A 32 -17.93 1.27 7.44
CA THR A 32 -18.59 2.50 7.07
C THR A 32 -19.53 3.00 8.20
N ASN A 33 -19.43 2.42 9.40
CA ASN A 33 -20.46 2.72 10.41
C ASN A 33 -20.16 1.94 11.67
N ILE A 34 -19.11 2.38 12.33
CA ILE A 34 -18.58 1.75 13.52
C ILE A 34 -19.59 1.98 14.62
N THR A 35 -20.24 0.90 15.09
CA THR A 35 -21.21 0.95 16.20
C THR A 35 -21.05 -0.34 16.98
N THR A 36 -21.62 -0.38 18.18
CA THR A 36 -21.73 -1.64 18.92
C THR A 36 -22.40 -2.71 18.03
N GLU A 37 -23.52 -2.32 17.39
CA GLU A 37 -24.37 -3.21 16.62
C GLU A 37 -23.60 -3.84 15.42
N THR A 38 -23.12 -3.01 14.46
CA THR A 38 -22.42 -3.54 13.30
C THR A 38 -21.19 -4.35 13.74
N SER A 39 -20.61 -4.00 14.89
CA SER A 39 -19.44 -4.70 15.38
C SER A 39 -19.84 -6.12 15.77
N LYS A 40 -21.01 -6.23 16.43
CA LYS A 40 -21.55 -7.52 16.85
C LYS A 40 -21.87 -8.40 15.66
N ILE A 41 -22.59 -7.88 14.65
CA ILE A 41 -22.90 -8.68 13.47
C ILE A 41 -21.58 -9.08 12.80
N LEU A 42 -20.60 -8.19 12.80
CA LEU A 42 -19.34 -8.55 12.17
C LEU A 42 -18.76 -9.76 12.90
N LEU A 43 -18.62 -9.70 14.24
CA LEU A 43 -17.97 -10.78 14.98
C LEU A 43 -18.73 -12.08 14.75
N GLN A 44 -20.04 -11.95 14.49
CA GLN A 44 -20.92 -13.06 14.26
C GLN A 44 -20.56 -13.68 12.92
N LYS A 45 -20.52 -12.88 11.84
CA LYS A 45 -20.24 -13.41 10.53
C LYS A 45 -18.83 -13.96 10.45
N ASN A 46 -17.93 -13.43 11.29
CA ASN A 46 -16.62 -14.04 11.43
C ASN A 46 -16.77 -15.54 11.76
N MET A 47 -17.66 -15.89 12.68
CA MET A 47 -17.77 -17.27 13.12
C MET A 47 -18.35 -18.05 11.97
N GLN A 48 -19.21 -17.39 11.18
CA GLN A 48 -19.86 -18.13 10.12
C GLN A 48 -18.86 -18.49 9.01
N ILE A 49 -18.05 -17.52 8.57
CA ILE A 49 -17.14 -17.78 7.46
C ILE A 49 -16.07 -18.78 7.97
N ALA A 50 -15.71 -18.75 9.26
CA ALA A 50 -14.78 -19.75 9.79
C ALA A 50 -15.37 -21.16 9.71
N GLN A 51 -16.64 -21.33 10.07
CA GLN A 51 -17.24 -22.64 10.06
C GLN A 51 -17.16 -23.16 8.63
N HIS A 52 -17.40 -22.34 7.59
CA HIS A 52 -17.30 -22.78 6.20
C HIS A 52 -15.86 -23.18 5.86
N THR A 53 -14.92 -22.30 6.28
CA THR A 53 -13.51 -22.51 5.99
C THR A 53 -13.08 -23.81 6.67
N LEU A 54 -13.44 -24.02 7.94
CA LEU A 54 -13.07 -25.26 8.61
C LEU A 54 -13.66 -26.50 7.91
N LYS A 55 -14.90 -26.45 7.50
CA LYS A 55 -15.48 -27.58 6.84
C LYS A 55 -14.74 -27.92 5.56
N TYR A 56 -14.58 -26.95 4.64
CA TYR A 56 -13.99 -27.24 3.35
C TYR A 56 -12.51 -27.56 3.49
N GLY A 57 -11.85 -26.84 4.40
CA GLY A 57 -10.44 -27.02 4.70
C GLY A 57 -10.13 -28.41 5.22
N THR A 58 -10.98 -28.93 6.13
CA THR A 58 -10.80 -30.29 6.61
C THR A 58 -11.00 -31.27 5.45
N GLN A 59 -11.94 -30.96 4.53
CA GLN A 59 -12.21 -31.82 3.38
C GLN A 59 -10.97 -31.81 2.50
N ALA A 60 -10.44 -30.62 2.20
CA ALA A 60 -9.32 -30.43 1.27
C ALA A 60 -8.05 -31.18 1.72
N ARG A 61 -7.81 -31.18 3.02
CA ARG A 61 -6.67 -31.87 3.58
C ARG A 61 -6.69 -33.41 3.43
N LYS A 62 -7.82 -33.98 3.08
CA LYS A 62 -7.93 -35.43 2.96
C LYS A 62 -7.52 -35.83 1.58
N PHE A 63 -7.34 -34.87 0.68
CA PHE A 63 -6.88 -35.14 -0.66
C PHE A 63 -5.39 -35.10 -0.62
N ASP A 64 -4.75 -36.15 -1.14
CA ASP A 64 -3.35 -36.19 -1.47
C ASP A 64 -3.12 -35.41 -2.77
N VAL A 65 -2.68 -34.16 -2.60
CA VAL A 65 -2.48 -33.30 -3.76
C VAL A 65 -1.36 -33.85 -4.65
N ASN A 66 -0.50 -34.71 -4.08
CA ASN A 66 0.59 -35.30 -4.85
C ASN A 66 0.01 -36.10 -6.00
N GLN A 67 -1.08 -36.83 -5.74
CA GLN A 67 -1.76 -37.72 -6.70
C GLN A 67 -2.67 -36.98 -7.69
N LEU A 68 -2.78 -35.66 -7.63
CA LEU A 68 -3.73 -34.99 -8.50
C LEU A 68 -3.02 -34.61 -9.79
N GLN A 69 -3.62 -34.95 -10.93
CA GLN A 69 -3.02 -34.67 -12.22
C GLN A 69 -3.36 -33.27 -12.73
N ASN A 70 -4.64 -32.85 -12.69
CA ASN A 70 -5.01 -31.50 -13.12
C ASN A 70 -4.34 -30.47 -12.21
N THR A 71 -3.62 -29.51 -12.80
CA THR A 71 -2.77 -28.64 -12.00
C THR A 71 -3.62 -27.49 -11.39
N THR A 72 -4.68 -27.02 -12.09
CA THR A 72 -5.58 -25.98 -11.56
C THR A 72 -6.28 -26.45 -10.30
N ILE A 73 -6.87 -27.64 -10.39
CA ILE A 73 -7.50 -28.30 -9.27
C ILE A 73 -6.53 -28.53 -8.12
N LYS A 74 -5.29 -28.93 -8.46
CA LYS A 74 -4.30 -29.26 -7.44
C LYS A 74 -4.01 -27.98 -6.66
N ARG A 75 -3.90 -26.90 -7.39
CA ARG A 75 -3.53 -25.63 -6.79
C ARG A 75 -4.68 -25.08 -5.95
N ILE A 76 -5.93 -25.24 -6.44
CA ILE A 76 -7.07 -24.81 -5.64
C ILE A 76 -7.11 -25.59 -4.33
N ILE A 77 -6.94 -26.91 -4.38
CA ILE A 77 -7.08 -27.73 -3.19
C ILE A 77 -5.97 -27.42 -2.18
N LYS A 78 -4.72 -27.30 -2.65
CA LYS A 78 -3.59 -26.91 -1.83
C LYS A 78 -3.87 -25.60 -1.05
N LYS A 79 -4.37 -24.60 -1.75
CA LYS A 79 -4.74 -23.36 -1.07
C LYS A 79 -5.91 -23.48 -0.09
N VAL A 80 -6.97 -24.23 -0.46
CA VAL A 80 -8.07 -24.44 0.47
C VAL A 80 -7.59 -25.19 1.73
N GLN A 81 -6.51 -25.99 1.65
CA GLN A 81 -6.02 -26.70 2.83
C GLN A 81 -5.45 -25.76 3.91
N ASP A 82 -5.20 -24.52 3.54
CA ASP A 82 -4.80 -23.51 4.51
C ASP A 82 -6.02 -22.79 5.02
N LEU A 83 -6.24 -22.97 6.31
CA LEU A 83 -7.44 -22.52 6.99
C LEU A 83 -7.28 -21.09 7.51
N GLU A 84 -6.03 -20.58 7.61
CA GLU A 84 -5.75 -19.32 8.31
C GLU A 84 -6.29 -19.39 9.74
N ARG A 85 -6.96 -18.33 10.21
CA ARG A 85 -7.36 -18.23 11.60
C ARG A 85 -8.37 -19.32 11.96
N ALA A 86 -9.08 -19.84 10.97
CA ALA A 86 -10.11 -20.85 11.21
C ALA A 86 -9.46 -22.17 11.65
N ALA A 87 -8.13 -22.28 11.62
CA ALA A 87 -7.52 -23.43 12.27
C ALA A 87 -7.50 -23.30 13.78
N LEU A 88 -7.69 -22.12 14.37
CA LEU A 88 -7.55 -22.00 15.81
C LEU A 88 -8.71 -22.73 16.52
N PRO A 89 -8.56 -23.26 17.77
CA PRO A 89 -9.71 -23.60 18.63
C PRO A 89 -10.66 -22.43 18.80
N ALA A 90 -11.96 -22.76 18.97
CA ALA A 90 -13.03 -21.77 18.98
C ALA A 90 -12.69 -20.62 19.96
N GLN A 91 -12.14 -20.94 21.14
CA GLN A 91 -11.91 -19.91 22.13
C GLN A 91 -10.91 -18.86 21.60
N GLU A 92 -9.80 -19.36 21.05
CA GLU A 92 -8.70 -18.55 20.52
C GLU A 92 -9.16 -17.82 19.27
N LEU A 93 -10.04 -18.42 18.49
CA LEU A 93 -10.49 -17.75 17.30
C LEU A 93 -11.33 -16.55 17.70
N GLU A 94 -12.20 -16.74 18.69
CA GLU A 94 -13.04 -15.65 19.15
C GLU A 94 -12.14 -14.51 19.66
N GLU A 95 -11.16 -14.86 20.48
CA GLU A 95 -10.27 -13.85 21.04
C GLU A 95 -9.49 -13.14 19.91
N TYR A 96 -9.00 -13.91 18.93
CA TYR A 96 -8.27 -13.36 17.81
C TYR A 96 -9.13 -12.35 17.05
N ASN A 97 -10.37 -12.72 16.75
CA ASN A 97 -11.26 -11.86 15.99
C ASN A 97 -11.55 -10.58 16.75
N LYS A 98 -11.62 -10.74 18.08
CA LYS A 98 -11.92 -9.59 18.93
C LYS A 98 -10.70 -8.64 18.98
N ILE A 99 -9.50 -9.24 19.05
CA ILE A 99 -8.28 -8.47 19.07
C ILE A 99 -8.10 -7.65 17.79
N LEU A 100 -8.32 -8.24 16.65
CA LEU A 100 -8.25 -7.53 15.39
C LEU A 100 -9.24 -6.39 15.38
N LEU A 101 -10.48 -6.68 15.77
CA LEU A 101 -11.49 -5.65 15.67
C LEU A 101 -11.09 -4.47 16.57
N ASP A 102 -10.60 -4.81 17.76
CA ASP A 102 -10.29 -3.80 18.75
C ASP A 102 -9.12 -2.93 18.29
N MET A 103 -8.08 -3.55 17.73
CA MET A 103 -6.94 -2.83 17.20
C MET A 103 -7.38 -1.87 16.09
N GLU A 104 -8.12 -2.37 15.11
CA GLU A 104 -8.59 -1.54 14.00
C GLU A 104 -9.46 -0.38 14.52
N THR A 105 -10.36 -0.69 15.45
CA THR A 105 -11.22 0.34 16.01
C THR A 105 -10.42 1.42 16.73
N THR A 106 -9.53 1.00 17.64
CA THR A 106 -8.64 1.93 18.34
C THR A 106 -7.93 2.88 17.38
N TYR A 107 -7.32 2.32 16.34
CA TYR A 107 -6.59 3.14 15.40
C TYR A 107 -7.56 4.15 14.78
N SER A 108 -8.73 3.68 14.38
CA SER A 108 -9.58 4.41 13.45
C SER A 108 -10.37 5.47 14.22
N VAL A 109 -10.42 5.43 15.54
CA VAL A 109 -11.13 6.46 16.28
C VAL A 109 -10.17 7.28 17.14
N ALA A 110 -8.85 7.04 17.15
CA ALA A 110 -7.95 7.89 17.92
C ALA A 110 -7.97 9.35 17.43
N THR A 111 -7.90 10.23 18.43
CA THR A 111 -7.76 11.68 18.19
C THR A 111 -6.62 12.25 19.06
N VAL A 112 -6.09 13.37 18.61
CA VAL A 112 -5.09 14.14 19.34
C VAL A 112 -5.63 15.55 19.65
N CYS A 113 -5.64 15.90 20.93
CA CYS A 113 -6.36 17.09 21.38
C CYS A 113 -5.42 18.14 21.96
N HIS A 114 -5.65 19.42 21.66
CA HIS A 114 -5.04 20.51 22.44
C HIS A 114 -5.78 20.61 23.77
N PRO A 115 -5.13 20.74 24.97
CA PRO A 115 -5.93 20.93 26.21
C PRO A 115 -6.82 22.18 26.13
N GLN A 116 -8.11 22.06 26.48
CA GLN A 116 -9.10 23.13 26.33
C GLN A 116 -9.32 23.56 24.86
N GLY A 117 -8.68 22.92 23.87
CA GLY A 117 -8.93 23.16 22.45
C GLY A 117 -9.59 21.95 21.76
N SER A 118 -9.49 21.92 20.42
CA SER A 118 -10.24 20.98 19.60
C SER A 118 -9.39 19.74 19.36
N CYS A 119 -10.08 18.61 19.12
CA CYS A 119 -9.48 17.29 18.88
C CYS A 119 -9.23 17.14 17.38
N LEU A 120 -8.14 16.50 16.99
CA LEU A 120 -7.86 16.34 15.58
C LEU A 120 -7.86 14.83 15.29
N GLN A 121 -8.53 14.39 14.24
CA GLN A 121 -8.39 13.03 13.74
C GLN A 121 -7.24 12.96 12.71
N LEU A 122 -6.85 11.73 12.33
CA LEU A 122 -5.74 11.54 11.42
C LEU A 122 -6.09 12.09 10.05
N GLU A 123 -7.28 11.78 9.59
CA GLU A 123 -7.77 12.26 8.30
C GLU A 123 -8.97 13.17 8.52
N PRO A 124 -9.01 14.46 8.06
CA PRO A 124 -7.91 15.11 7.34
C PRO A 124 -6.89 15.87 8.18
N ASP A 125 -7.20 16.07 9.45
CA ASP A 125 -6.63 17.20 10.18
C ASP A 125 -5.11 17.00 10.38
N LEU A 126 -4.74 15.90 11.04
CA LEU A 126 -3.32 15.65 11.33
C LEU A 126 -2.50 15.47 10.05
N THR A 127 -3.09 14.85 9.02
CA THR A 127 -2.48 14.69 7.71
C THR A 127 -2.16 16.08 7.12
N ASN A 128 -3.14 16.98 7.17
CA ASN A 128 -2.92 18.35 6.69
C ASN A 128 -1.84 19.07 7.50
N VAL A 129 -1.78 18.94 8.84
CA VAL A 129 -0.68 19.52 9.59
C VAL A 129 0.69 19.01 9.06
N MET A 130 0.90 17.68 9.05
CA MET A 130 2.17 17.10 8.57
C MET A 130 2.47 17.61 7.16
N ALA A 131 1.46 17.76 6.29
CA ALA A 131 1.70 18.21 4.93
C ALA A 131 2.08 19.70 4.80
N THR A 132 1.55 20.64 5.63
CA THR A 132 1.63 22.05 5.29
C THR A 132 2.32 22.86 6.36
N SER A 133 2.35 22.43 7.64
CA SER A 133 3.12 23.17 8.63
C SER A 133 4.62 23.15 8.29
N ARG A 134 5.28 24.30 8.50
CA ARG A 134 6.71 24.44 8.32
C ARG A 134 7.31 24.95 9.63
N LYS A 135 6.62 24.65 10.73
CA LYS A 135 7.14 24.99 12.05
C LYS A 135 7.45 23.74 12.87
N TYR A 136 8.69 23.68 13.39
CA TYR A 136 9.23 22.45 13.95
C TYR A 136 8.34 21.93 15.08
N GLU A 137 7.90 22.90 15.89
CA GLU A 137 7.18 22.59 17.11
C GLU A 137 5.77 22.12 16.81
N ASP A 138 5.16 22.58 15.72
CA ASP A 138 3.79 22.17 15.39
C ASP A 138 3.83 20.76 14.79
N LEU A 139 4.81 20.51 13.91
CA LEU A 139 5.04 19.18 13.35
C LEU A 139 5.27 18.18 14.46
N LEU A 140 6.01 18.64 15.45
CA LEU A 140 6.36 17.77 16.56
C LEU A 140 5.14 17.40 17.38
N TRP A 141 4.26 18.38 17.59
CA TRP A 141 3.06 18.16 18.39
C TRP A 141 2.20 17.06 17.70
N ALA A 142 2.01 17.14 16.38
CA ALA A 142 1.21 16.21 15.62
C ALA A 142 1.86 14.84 15.57
N TRP A 143 3.20 14.80 15.37
CA TRP A 143 3.93 13.56 15.18
C TRP A 143 3.88 12.76 16.49
N GLU A 144 4.29 13.38 17.61
CA GLU A 144 4.30 12.77 18.94
C GLU A 144 2.90 12.43 19.44
N GLY A 145 1.96 13.33 19.18
CA GLY A 145 0.58 13.23 19.61
C GLY A 145 -0.06 11.98 19.00
N TRP A 146 0.13 11.82 17.71
CA TRP A 146 -0.43 10.65 17.05
C TRP A 146 0.15 9.36 17.64
N ARG A 147 1.44 9.34 17.92
CA ARG A 147 2.07 8.12 18.43
C ARG A 147 1.57 7.86 19.85
N ASP A 148 1.45 8.94 20.65
CA ASP A 148 0.95 8.86 22.01
C ASP A 148 -0.46 8.28 22.06
N LYS A 149 -1.32 8.62 21.13
CA LYS A 149 -2.72 8.25 21.21
C LYS A 149 -3.04 6.97 20.41
N ALA A 150 -2.46 6.81 19.20
CA ALA A 150 -2.71 5.61 18.41
C ALA A 150 -1.74 4.50 18.79
N GLY A 151 -0.43 4.80 18.68
CA GLY A 151 0.54 3.76 18.85
C GLY A 151 0.51 3.20 20.26
N ARG A 152 0.51 4.04 21.28
CA ARG A 152 0.65 3.51 22.63
C ARG A 152 -0.61 2.70 23.02
N ALA A 153 -1.76 3.05 22.47
CA ALA A 153 -2.99 2.31 22.76
C ALA A 153 -3.07 0.94 22.07
N ILE A 154 -2.28 0.72 21.00
CA ILE A 154 -2.26 -0.60 20.33
C ILE A 154 -1.39 -1.60 21.10
N LEU A 155 -0.44 -1.09 21.88
CA LEU A 155 0.53 -1.96 22.52
C LEU A 155 -0.11 -3.03 23.40
N GLN A 156 -1.20 -2.71 24.11
CA GLN A 156 -1.85 -3.67 25.00
C GLN A 156 -2.30 -4.94 24.22
N PHE A 157 -2.62 -4.78 22.92
CA PHE A 157 -3.16 -5.86 22.10
C PHE A 157 -2.07 -6.66 21.41
N TYR A 158 -0.87 -6.09 21.12
CA TYR A 158 -0.09 -6.64 20.02
C TYR A 158 0.56 -7.96 20.43
N PRO A 159 1.08 -8.16 21.67
CA PRO A 159 1.66 -9.46 22.01
C PRO A 159 0.72 -10.65 21.81
N LYS A 160 -0.55 -10.45 22.10
CA LYS A 160 -1.55 -11.48 22.02
C LYS A 160 -1.88 -11.73 20.56
N TYR A 161 -1.97 -10.65 19.77
CA TYR A 161 -2.14 -10.82 18.34
C TYR A 161 -1.02 -11.65 17.75
N VAL A 162 0.22 -11.37 18.10
CA VAL A 162 1.34 -12.09 17.56
C VAL A 162 1.25 -13.58 17.93
N GLU A 163 0.96 -13.85 19.20
CA GLU A 163 0.83 -15.23 19.63
C GLU A 163 -0.25 -15.96 18.79
N LEU A 164 -1.41 -15.35 18.61
CA LEU A 164 -2.53 -16.03 17.95
C LEU A 164 -2.33 -16.18 16.45
N ILE A 165 -1.77 -15.14 15.83
CA ILE A 165 -1.56 -15.22 14.40
C ILE A 165 -0.51 -16.28 14.08
N ASN A 166 0.45 -16.39 14.98
CA ASN A 166 1.52 -17.33 14.79
C ASN A 166 0.96 -18.74 15.07
N GLN A 167 0.11 -18.86 16.11
CA GLN A 167 -0.46 -20.18 16.39
C GLN A 167 -1.25 -20.68 15.18
N ALA A 168 -2.05 -19.78 14.59
CA ALA A 168 -2.78 -20.17 13.40
C ALA A 168 -1.83 -20.59 12.28
N ALA A 169 -0.76 -19.81 12.05
CA ALA A 169 0.21 -20.16 11.03
C ALA A 169 0.77 -21.57 11.27
N ARG A 170 1.16 -21.87 12.51
CA ARG A 170 1.71 -23.19 12.80
C ARG A 170 0.69 -24.29 12.52
N LEU A 171 -0.58 -24.02 12.82
CA LEU A 171 -1.63 -25.00 12.62
C LEU A 171 -1.96 -25.14 11.13
N ASN A 172 -1.41 -24.28 10.30
CA ASN A 172 -1.53 -24.50 8.86
C ASN A 172 -0.24 -25.00 8.20
N GLY A 173 0.78 -25.38 8.99
CA GLY A 173 2.01 -26.00 8.50
C GLY A 173 3.18 -25.03 8.27
N TYR A 174 3.06 -23.73 8.70
CA TYR A 174 4.10 -22.72 8.52
C TYR A 174 4.91 -22.66 9.82
N VAL A 175 6.09 -22.02 9.89
CA VAL A 175 6.73 -21.91 11.18
C VAL A 175 6.25 -20.74 11.98
N ASP A 176 5.76 -19.69 11.28
CA ASP A 176 5.24 -18.50 11.95
C ASP A 176 4.43 -17.68 10.89
N ALA A 177 3.76 -16.60 11.32
CA ALA A 177 2.89 -15.84 10.45
C ALA A 177 3.68 -15.20 9.30
N GLY A 178 4.94 -14.85 9.59
CA GLY A 178 5.74 -14.16 8.58
C GLY A 178 6.11 -15.11 7.42
N ASP A 179 6.46 -16.34 7.79
CA ASP A 179 6.59 -17.43 6.81
C ASP A 179 5.31 -17.58 5.98
N SER A 180 4.13 -17.64 6.65
CA SER A 180 2.90 -17.75 5.86
C SER A 180 2.73 -16.56 4.90
N TRP A 181 2.98 -15.32 5.37
CA TRP A 181 2.85 -14.16 4.50
C TRP A 181 3.79 -14.22 3.27
N ARG A 182 5.08 -14.53 3.49
CA ARG A 182 6.06 -14.60 2.43
C ARG A 182 5.65 -15.68 1.42
N SER A 183 4.95 -16.75 1.87
CA SER A 183 4.60 -17.89 0.98
C SER A 183 3.63 -17.42 -0.12
N MET A 184 3.02 -16.28 0.03
CA MET A 184 2.08 -15.79 -0.97
C MET A 184 2.79 -15.48 -2.28
N TYR A 185 4.11 -15.26 -2.26
CA TYR A 185 4.83 -15.02 -3.49
C TYR A 185 5.28 -16.30 -4.20
N GLU A 186 5.20 -17.45 -3.51
CA GLU A 186 5.69 -18.74 -4.02
C GLU A 186 7.09 -18.66 -4.63
N THR A 187 7.98 -17.97 -3.95
CA THR A 187 9.30 -17.61 -4.44
C THR A 187 10.30 -17.88 -3.31
N PRO A 188 10.93 -19.07 -3.24
CA PRO A 188 11.83 -19.39 -2.11
C PRO A 188 12.96 -18.37 -1.89
N SER A 189 13.40 -17.79 -3.00
CA SER A 189 14.47 -16.79 -2.95
C SER A 189 13.95 -15.40 -2.62
N LEU A 190 12.70 -15.22 -2.19
CA LEU A 190 12.15 -13.88 -1.96
C LEU A 190 13.08 -12.93 -1.18
N GLU A 191 13.56 -13.36 -0.01
CA GLU A 191 14.22 -12.41 0.84
C GLU A 191 15.47 -11.89 0.13
N GLN A 192 16.17 -12.79 -0.51
CA GLN A 192 17.39 -12.42 -1.20
C GLN A 192 17.02 -11.50 -2.37
N ASP A 193 15.99 -11.88 -3.12
CA ASP A 193 15.62 -11.12 -4.31
C ASP A 193 15.30 -9.66 -3.92
N LEU A 194 14.59 -9.49 -2.80
CA LEU A 194 14.17 -8.17 -2.40
C LEU A 194 15.37 -7.38 -1.94
N GLU A 195 16.27 -8.01 -1.18
CA GLU A 195 17.51 -7.38 -0.69
C GLU A 195 18.34 -6.83 -1.86
N ARG A 196 18.46 -7.60 -2.93
CA ARG A 196 19.23 -7.15 -4.07
C ARG A 196 18.56 -5.91 -4.70
N LEU A 197 17.22 -5.92 -4.84
CA LEU A 197 16.48 -4.79 -5.39
C LEU A 197 16.66 -3.54 -4.54
N PHE A 198 16.61 -3.76 -3.22
CA PHE A 198 16.83 -2.68 -2.27
C PHE A 198 18.22 -2.07 -2.47
N GLN A 199 19.25 -2.92 -2.52
CA GLN A 199 20.62 -2.48 -2.76
C GLN A 199 20.76 -1.71 -4.07
N GLU A 200 20.09 -2.06 -5.14
CA GLU A 200 20.25 -1.28 -6.34
C GLU A 200 19.69 0.14 -6.31
N LEU A 201 18.70 0.40 -5.45
CA LEU A 201 18.09 1.69 -5.23
C LEU A 201 18.84 2.57 -4.24
N GLN A 202 19.89 2.07 -3.60
CA GLN A 202 20.63 2.84 -2.64
C GLN A 202 21.30 4.09 -3.22
N PRO A 203 22.00 4.07 -4.36
CA PRO A 203 22.50 5.32 -4.95
C PRO A 203 21.49 6.45 -5.05
N LEU A 204 20.31 6.13 -5.60
CA LEU A 204 19.27 7.10 -5.76
C LEU A 204 18.83 7.59 -4.38
N TYR A 205 18.47 6.61 -3.53
CA TYR A 205 17.98 6.92 -2.18
C TYR A 205 19.01 7.74 -1.39
N LEU A 206 20.27 7.33 -1.27
CA LEU A 206 21.20 8.13 -0.47
C LEU A 206 21.42 9.55 -1.01
N ASN A 207 21.40 9.72 -2.34
CA ASN A 207 21.59 11.03 -2.94
C ASN A 207 20.39 11.94 -2.74
N LEU A 208 19.20 11.37 -2.80
CA LEU A 208 17.96 12.04 -2.51
C LEU A 208 17.95 12.51 -1.05
N HIS A 209 18.27 11.56 -0.17
CA HIS A 209 18.32 11.80 1.24
C HIS A 209 19.27 12.93 1.61
N ALA A 210 20.48 12.92 1.07
CA ALA A 210 21.44 13.98 1.36
C ALA A 210 20.96 15.36 0.85
N TYR A 211 20.41 15.40 -0.35
CA TYR A 211 19.95 16.68 -0.91
C TYR A 211 18.76 17.25 -0.11
N VAL A 212 17.83 16.35 0.29
CA VAL A 212 16.70 16.78 1.11
C VAL A 212 17.20 17.27 2.50
N ARG A 213 18.13 16.54 3.12
CA ARG A 213 18.74 16.91 4.39
C ARG A 213 19.34 18.31 4.33
N ARG A 214 20.03 18.63 3.21
CA ARG A 214 20.65 19.95 3.03
C ARG A 214 19.55 21.01 3.05
N ALA A 215 18.46 20.74 2.31
CA ALA A 215 17.35 21.69 2.14
C ALA A 215 16.63 21.90 3.44
N LEU A 216 16.52 20.84 4.20
CA LEU A 216 15.96 20.94 5.55
C LEU A 216 16.82 21.80 6.47
N HIS A 217 18.14 21.65 6.33
CA HIS A 217 19.11 22.42 7.07
C HIS A 217 18.92 23.91 6.78
N ARG A 218 18.78 24.28 5.50
CA ARG A 218 18.53 25.65 5.10
C ARG A 218 17.27 26.17 5.76
N HIS A 219 16.18 25.40 5.84
CA HIS A 219 14.91 25.89 6.38
C HIS A 219 14.83 25.81 7.91
N TYR A 220 15.32 24.75 8.54
CA TYR A 220 14.98 24.52 9.96
C TYR A 220 16.17 24.93 10.85
N GLY A 221 17.31 25.17 10.21
CA GLY A 221 18.53 25.62 10.82
C GLY A 221 19.52 24.54 11.21
N ALA A 222 20.75 24.96 11.33
CA ALA A 222 21.89 24.09 11.59
C ALA A 222 21.79 23.42 12.95
N GLN A 223 21.15 24.06 13.93
CA GLN A 223 21.03 23.44 15.23
C GLN A 223 20.06 22.27 15.25
N HIS A 224 19.27 22.07 14.17
CA HIS A 224 18.23 21.05 14.15
C HIS A 224 18.48 19.96 13.11
N ILE A 225 19.47 20.11 12.22
CA ILE A 225 19.75 19.14 11.17
C ILE A 225 21.24 18.90 11.19
N ASN A 226 21.65 17.66 11.43
CA ASN A 226 23.02 17.23 11.32
C ASN A 226 23.29 16.83 9.86
N LEU A 227 24.21 17.50 9.18
CA LEU A 227 24.43 17.26 7.76
C LEU A 227 25.14 15.94 7.52
N GLU A 228 25.55 15.26 8.59
CA GLU A 228 26.10 13.95 8.46
C GLU A 228 25.30 12.90 9.22
N GLY A 229 24.05 13.17 9.51
CA GLY A 229 23.34 12.24 10.38
C GLY A 229 21.91 12.02 9.85
N PRO A 230 21.09 11.27 10.59
CA PRO A 230 19.74 10.99 10.11
C PRO A 230 18.88 12.23 10.16
N ILE A 231 17.76 12.19 9.42
CA ILE A 231 16.84 13.32 9.30
C ILE A 231 15.76 13.13 10.35
N PRO A 232 15.35 14.16 11.12
CA PRO A 232 14.24 13.97 12.03
C PRO A 232 12.93 13.62 11.34
N ALA A 233 12.19 12.69 11.92
CA ALA A 233 11.16 11.95 11.18
C ALA A 233 9.87 12.73 10.98
N HIS A 234 9.81 13.92 11.58
CA HIS A 234 8.60 14.71 11.49
C HIS A 234 8.65 15.77 10.40
N LEU A 235 9.75 15.89 9.62
CA LEU A 235 9.95 17.04 8.73
C LEU A 235 9.71 16.75 7.24
N LEU A 236 9.15 15.58 6.87
CA LEU A 236 9.15 15.16 5.47
C LEU A 236 7.76 15.23 4.87
N GLY A 237 6.81 15.80 5.61
CA GLY A 237 5.53 16.20 5.07
C GLY A 237 4.43 15.11 5.17
N ASN A 238 4.76 14.03 5.88
CA ASN A 238 3.98 12.83 5.96
C ASN A 238 4.16 12.24 7.36
N MET A 239 3.04 11.75 7.95
CA MET A 239 3.04 11.23 9.31
C MET A 239 4.13 10.17 9.53
N TRP A 240 4.43 9.38 8.49
CA TRP A 240 5.36 8.23 8.58
C TRP A 240 6.67 8.46 7.85
N ALA A 241 6.84 9.68 7.32
CA ALA A 241 7.92 10.01 6.41
C ALA A 241 8.07 8.99 5.28
N GLN A 242 6.98 8.36 4.84
CA GLN A 242 7.05 7.29 3.86
C GLN A 242 7.06 7.84 2.43
N THR A 243 6.45 9.01 2.25
CA THR A 243 6.56 9.84 1.04
C THR A 243 6.75 11.32 1.42
N TRP A 244 7.60 11.99 0.62
CA TRP A 244 8.17 13.28 0.93
C TRP A 244 7.68 14.37 0.01
N SER A 245 6.72 14.10 -0.89
CA SER A 245 6.39 15.11 -1.90
C SER A 245 5.64 16.33 -1.34
N ASN A 246 5.17 16.30 -0.09
CA ASN A 246 4.59 17.50 0.50
C ASN A 246 5.62 18.56 0.85
N ILE A 247 6.92 18.23 0.94
CA ILE A 247 7.97 19.23 1.15
C ILE A 247 8.67 19.60 -0.16
N TYR A 248 8.00 19.33 -1.28
CA TYR A 248 8.52 19.78 -2.56
C TYR A 248 8.89 21.28 -2.56
N ASP A 249 8.02 22.16 -2.03
CA ASP A 249 8.30 23.60 -1.91
C ASP A 249 9.66 23.91 -1.26
N LEU A 250 10.14 23.12 -0.31
CA LEU A 250 11.42 23.33 0.33
C LEU A 250 12.58 22.83 -0.49
N VAL A 251 12.37 21.95 -1.49
CA VAL A 251 13.50 21.27 -2.13
C VAL A 251 13.53 21.46 -3.65
N VAL A 252 12.76 22.43 -4.14
CA VAL A 252 12.62 22.61 -5.58
C VAL A 252 14.02 22.75 -6.20
N PRO A 253 14.44 21.91 -7.16
CA PRO A 253 15.73 22.10 -7.84
C PRO A 253 15.87 23.43 -8.59
N PHE A 254 14.77 23.90 -9.20
CA PHE A 254 14.80 25.11 -10.05
C PHE A 254 13.62 26.00 -9.71
N PRO A 255 13.73 26.79 -8.60
CA PRO A 255 12.65 27.63 -8.10
C PRO A 255 12.31 28.76 -9.07
N SER A 256 13.15 28.96 -10.09
CA SER A 256 12.88 29.93 -11.14
C SER A 256 11.74 29.43 -12.02
N ALA A 257 11.61 28.10 -12.16
CA ALA A 257 10.58 27.48 -12.96
C ALA A 257 9.37 27.16 -12.07
N PRO A 258 8.43 28.11 -11.83
CA PRO A 258 7.37 27.88 -10.84
C PRO A 258 6.36 26.86 -11.40
N SER A 259 5.73 26.17 -10.43
CA SER A 259 4.78 25.08 -10.67
C SER A 259 3.43 25.45 -10.08
N MET A 260 2.31 25.19 -10.79
CA MET A 260 1.00 25.53 -10.30
C MET A 260 0.65 24.88 -8.96
N ASP A 261 -0.12 25.62 -8.17
CA ASP A 261 -0.73 25.04 -6.97
C ASP A 261 -1.86 24.13 -7.48
N THR A 262 -1.55 22.85 -7.61
CA THR A 262 -2.47 21.89 -8.23
C THR A 262 -3.69 21.73 -7.33
N THR A 263 -3.52 21.84 -5.98
CA THR A 263 -4.65 21.72 -5.07
C THR A 263 -5.56 22.90 -5.32
N GLU A 264 -4.95 24.10 -5.36
CA GLU A 264 -5.76 25.29 -5.51
C GLU A 264 -6.46 25.19 -6.86
N ALA A 265 -5.77 24.62 -7.87
CA ALA A 265 -6.33 24.47 -9.20
C ALA A 265 -7.53 23.51 -9.14
N MET A 266 -7.39 22.42 -8.37
CA MET A 266 -8.45 21.43 -8.33
C MET A 266 -9.67 22.11 -7.67
N LEU A 267 -9.41 22.76 -6.53
CA LEU A 267 -10.44 23.43 -5.74
C LEU A 267 -11.11 24.55 -6.55
N LYS A 268 -10.28 25.45 -7.11
CA LYS A 268 -10.78 26.52 -7.95
C LYS A 268 -11.59 25.96 -9.10
N GLN A 269 -11.26 24.78 -9.64
CA GLN A 269 -12.04 24.34 -10.78
C GLN A 269 -13.14 23.40 -10.38
N GLY A 270 -13.46 23.37 -9.09
CA GLY A 270 -14.61 22.62 -8.60
C GLY A 270 -14.48 21.11 -8.78
N TRP A 271 -13.27 20.57 -8.62
CA TRP A 271 -13.14 19.12 -8.59
C TRP A 271 -13.81 18.59 -7.33
N THR A 272 -14.43 17.41 -7.41
CA THR A 272 -15.01 16.77 -6.24
C THR A 272 -14.45 15.37 -6.13
N PRO A 273 -14.64 14.63 -5.02
CA PRO A 273 -14.23 13.22 -5.02
C PRO A 273 -14.77 12.41 -6.19
N ARG A 274 -16.03 12.67 -6.53
CA ARG A 274 -16.65 11.97 -7.63
C ARG A 274 -15.88 12.23 -8.92
N ARG A 275 -15.44 13.48 -9.11
CA ARG A 275 -14.76 13.80 -10.36
C ARG A 275 -13.43 13.05 -10.45
N MET A 276 -12.78 12.90 -9.27
CA MET A 276 -11.49 12.27 -9.15
C MET A 276 -11.64 10.80 -9.58
N PHE A 277 -12.73 10.12 -9.15
CA PHE A 277 -12.93 8.71 -9.52
C PHE A 277 -13.31 8.61 -10.97
N LYS A 278 -14.13 9.54 -11.45
CA LYS A 278 -14.57 9.50 -12.83
C LYS A 278 -13.40 9.64 -13.78
N GLU A 279 -12.39 10.49 -13.45
CA GLU A 279 -11.20 10.62 -14.27
C GLU A 279 -10.39 9.31 -14.30
N ALA A 280 -10.24 8.64 -13.16
CA ALA A 280 -9.59 7.32 -13.11
C ALA A 280 -10.31 6.31 -14.00
N ASP A 281 -11.65 6.30 -13.86
CA ASP A 281 -12.48 5.46 -14.72
C ASP A 281 -12.23 5.73 -16.21
N ASP A 282 -12.07 7.01 -16.57
CA ASP A 282 -11.85 7.39 -17.96
C ASP A 282 -10.52 6.86 -18.46
N PHE A 283 -9.52 6.89 -17.58
CA PHE A 283 -8.18 6.45 -17.94
C PHE A 283 -8.24 4.95 -18.17
N PHE A 284 -8.83 4.18 -17.25
CA PHE A 284 -8.95 2.74 -17.49
C PHE A 284 -9.67 2.41 -18.83
N THR A 285 -10.82 3.04 -19.05
CA THR A 285 -11.54 2.83 -20.31
C THR A 285 -10.76 3.34 -21.52
N SER A 286 -9.95 4.39 -21.37
CA SER A 286 -9.15 4.81 -22.52
C SER A 286 -8.21 3.72 -22.98
N LEU A 287 -7.81 2.81 -22.06
CA LEU A 287 -6.90 1.73 -22.45
C LEU A 287 -7.60 0.51 -23.09
N GLY A 288 -8.95 0.59 -23.16
CA GLY A 288 -9.82 -0.52 -23.50
C GLY A 288 -10.09 -1.46 -22.32
N LEU A 289 -9.81 -1.03 -21.07
CA LEU A 289 -10.06 -1.81 -19.87
C LEU A 289 -11.52 -1.55 -19.45
N LEU A 290 -11.96 -2.23 -18.40
CA LEU A 290 -13.37 -2.20 -18.02
C LEU A 290 -13.76 -0.97 -17.21
N PRO A 291 -14.99 -0.48 -17.47
CA PRO A 291 -15.58 0.58 -16.68
C PRO A 291 -16.05 0.00 -15.37
N VAL A 292 -16.08 0.80 -14.31
CA VAL A 292 -16.72 0.29 -13.11
C VAL A 292 -18.24 0.25 -13.36
N PRO A 293 -18.97 -0.74 -12.77
CA PRO A 293 -20.40 -0.92 -12.97
C PRO A 293 -21.19 0.22 -12.33
N PRO A 294 -22.41 0.51 -12.85
CA PRO A 294 -23.29 1.50 -12.20
C PRO A 294 -23.42 1.39 -10.66
N GLU A 295 -23.46 0.12 -10.20
CA GLU A 295 -23.63 -0.19 -8.80
C GLU A 295 -22.50 0.42 -7.95
N PHE A 296 -21.34 0.55 -8.58
CA PHE A 296 -20.18 1.06 -7.87
C PHE A 296 -20.44 2.51 -7.50
N TRP A 297 -21.01 3.29 -8.45
CA TRP A 297 -21.29 4.70 -8.21
C TRP A 297 -22.40 4.82 -7.14
N GLN A 298 -23.32 3.86 -7.06
CA GLN A 298 -24.36 3.98 -6.06
C GLN A 298 -23.84 3.56 -4.69
N LYS A 299 -22.96 2.53 -4.61
CA LYS A 299 -22.67 1.93 -3.32
C LYS A 299 -21.40 2.40 -2.64
N SER A 300 -20.44 2.99 -3.39
CA SER A 300 -19.11 3.27 -2.82
C SER A 300 -19.25 4.44 -1.87
N MET A 301 -18.37 4.54 -0.90
CA MET A 301 -18.27 5.68 0.01
C MET A 301 -17.01 6.46 -0.41
N LEU A 302 -17.20 7.49 -1.25
CA LEU A 302 -16.09 8.28 -1.79
C LEU A 302 -15.80 9.55 -1.01
N GLU A 303 -16.56 9.87 0.04
CA GLU A 303 -16.10 10.89 0.98
C GLU A 303 -16.54 10.62 2.42
N LYS A 304 -15.91 11.33 3.33
CA LYS A 304 -16.10 11.07 4.74
C LYS A 304 -17.52 11.49 5.09
N PRO A 305 -18.39 10.62 5.66
CA PRO A 305 -19.78 10.98 5.97
C PRO A 305 -19.78 12.19 6.89
N ASP A 306 -20.77 13.05 6.75
CA ASP A 306 -20.82 14.25 7.56
C ASP A 306 -21.83 14.04 8.68
N ASP A 307 -22.58 12.92 8.63
CA ASP A 307 -23.75 12.67 9.47
C ASP A 307 -23.39 12.10 10.85
N GLY A 308 -22.27 12.49 11.48
CA GLY A 308 -21.96 11.96 12.80
C GLY A 308 -21.45 10.50 12.76
N ARG A 309 -21.81 9.70 11.72
CA ARG A 309 -21.26 8.36 11.50
C ARG A 309 -19.76 8.40 11.62
N GLU A 310 -19.22 7.49 12.43
CA GLU A 310 -17.80 7.28 12.58
C GLU A 310 -17.30 6.12 11.65
N VAL A 311 -16.15 6.26 10.92
CA VAL A 311 -15.82 5.28 9.88
C VAL A 311 -14.32 4.96 9.95
N VAL A 312 -13.95 3.88 9.25
CA VAL A 312 -12.58 3.60 8.87
C VAL A 312 -12.34 4.48 7.63
N CYS A 313 -11.51 5.53 7.82
CA CYS A 313 -11.22 6.46 6.72
C CYS A 313 -10.22 5.88 5.73
N HIS A 314 -9.31 5.02 6.21
CA HIS A 314 -8.16 4.56 5.41
C HIS A 314 -8.68 3.92 4.12
N ALA A 315 -8.27 4.43 2.97
CA ALA A 315 -8.84 4.06 1.68
C ALA A 315 -8.65 2.56 1.37
N SER A 316 -9.70 1.96 0.80
CA SER A 316 -9.64 0.54 0.44
C SER A 316 -10.67 0.19 -0.60
N ALA A 317 -10.43 -0.93 -1.28
CA ALA A 317 -11.19 -1.38 -2.41
C ALA A 317 -11.76 -2.74 -2.08
N TRP A 318 -13.00 -2.98 -2.49
CA TRP A 318 -13.76 -4.11 -1.99
C TRP A 318 -14.34 -4.95 -3.12
N ASP A 319 -14.11 -6.27 -2.98
CA ASP A 319 -14.72 -7.28 -3.81
C ASP A 319 -15.75 -8.05 -2.98
N PHE A 320 -17.00 -8.05 -3.45
CA PHE A 320 -18.13 -8.64 -2.72
C PHE A 320 -18.39 -10.08 -3.20
N TYR A 321 -17.52 -10.56 -4.10
CA TYR A 321 -17.42 -11.97 -4.51
C TYR A 321 -18.64 -12.48 -5.27
N ASN A 322 -19.36 -11.63 -5.98
CA ASN A 322 -20.48 -12.06 -6.79
C ASN A 322 -20.28 -11.64 -8.23
N GLY A 323 -19.12 -11.07 -8.54
CA GLY A 323 -18.83 -10.66 -9.90
C GLY A 323 -19.62 -9.44 -10.38
N LYS A 324 -20.30 -8.71 -9.48
CA LYS A 324 -21.10 -7.54 -9.90
C LYS A 324 -20.90 -6.32 -9.01
N ASP A 325 -20.70 -6.57 -7.69
CA ASP A 325 -20.61 -5.55 -6.67
C ASP A 325 -19.13 -5.34 -6.27
N PHE A 326 -18.61 -4.18 -6.68
CA PHE A 326 -17.26 -3.73 -6.32
C PHE A 326 -17.39 -2.34 -5.76
N ARG A 327 -16.66 -2.00 -4.69
CA ARG A 327 -16.75 -0.64 -4.18
C ARG A 327 -15.42 -0.08 -3.66
N ILE A 328 -15.36 1.24 -3.52
CA ILE A 328 -14.27 1.90 -2.84
C ILE A 328 -14.82 2.64 -1.63
N LYS A 329 -14.05 2.64 -0.56
CA LYS A 329 -14.32 3.33 0.68
C LYS A 329 -13.13 4.21 0.97
N GLN A 330 -13.26 5.52 0.66
CA GLN A 330 -12.17 6.46 0.85
C GLN A 330 -12.74 7.79 1.30
N CYS A 331 -12.08 8.39 2.29
CA CYS A 331 -12.35 9.72 2.83
C CYS A 331 -11.50 10.72 2.02
N THR A 332 -11.94 10.90 0.77
CA THR A 332 -11.26 11.60 -0.31
C THR A 332 -11.22 13.09 0.01
N THR A 333 -10.02 13.67 0.00
CA THR A 333 -9.83 15.11 0.02
C THR A 333 -9.39 15.53 -1.36
N VAL A 334 -9.78 16.75 -1.78
CA VAL A 334 -9.53 17.16 -3.14
C VAL A 334 -8.11 17.70 -3.24
N ASN A 335 -7.17 16.83 -3.65
CA ASN A 335 -5.80 17.20 -3.94
C ASN A 335 -5.14 16.11 -4.79
N LEU A 336 -3.92 16.39 -5.20
CA LEU A 336 -3.23 15.51 -6.15
C LEU A 336 -2.87 14.18 -5.47
N GLU A 337 -2.45 14.21 -4.22
CA GLU A 337 -2.10 13.02 -3.48
C GLU A 337 -3.28 12.06 -3.46
N ASP A 338 -4.45 12.59 -3.17
CA ASP A 338 -5.61 11.73 -3.19
C ASP A 338 -6.02 11.27 -4.59
N LEU A 339 -5.76 12.07 -5.60
CA LEU A 339 -6.11 11.63 -6.94
C LEU A 339 -5.28 10.37 -7.33
N VAL A 340 -4.01 10.36 -6.92
CA VAL A 340 -3.13 9.20 -7.15
C VAL A 340 -3.68 8.01 -6.37
N VAL A 341 -4.04 8.24 -5.09
CA VAL A 341 -4.73 7.25 -4.25
C VAL A 341 -6.00 6.70 -4.91
N ALA A 342 -6.85 7.58 -5.46
CA ALA A 342 -8.02 7.11 -6.17
C ALA A 342 -7.64 6.18 -7.31
N HIS A 343 -6.55 6.49 -8.05
CA HIS A 343 -6.15 5.63 -9.16
C HIS A 343 -5.69 4.27 -8.60
N HIS A 344 -4.93 4.29 -7.48
CA HIS A 344 -4.43 3.08 -6.86
C HIS A 344 -5.62 2.14 -6.55
N GLU A 345 -6.66 2.69 -5.92
CA GLU A 345 -7.83 1.93 -5.54
C GLU A 345 -8.62 1.47 -6.75
N MET A 346 -8.76 2.30 -7.77
CA MET A 346 -9.44 1.90 -9.01
C MET A 346 -8.68 0.78 -9.72
N GLY A 347 -7.36 0.72 -9.54
CA GLY A 347 -6.55 -0.39 -10.02
C GLY A 347 -6.93 -1.72 -9.36
N HIS A 348 -7.19 -1.73 -8.06
CA HIS A 348 -7.68 -2.92 -7.40
C HIS A 348 -9.04 -3.28 -8.00
N ILE A 349 -9.96 -2.30 -8.13
CA ILE A 349 -11.28 -2.57 -8.71
C ILE A 349 -11.10 -3.21 -10.09
N GLN A 350 -10.15 -2.73 -10.88
CA GLN A 350 -10.03 -3.22 -12.24
C GLN A 350 -9.60 -4.69 -12.20
N TYR A 351 -8.71 -5.02 -11.27
CA TYR A 351 -8.26 -6.40 -11.13
C TYR A 351 -9.45 -7.31 -10.73
N PHE A 352 -10.20 -6.92 -9.70
CA PHE A 352 -11.41 -7.67 -9.26
C PHE A 352 -12.34 -7.99 -10.44
N MET A 353 -12.50 -7.00 -11.34
CA MET A 353 -13.33 -7.14 -12.51
C MET A 353 -12.70 -8.05 -13.56
N GLN A 354 -11.38 -7.98 -13.83
CA GLN A 354 -10.77 -8.84 -14.82
C GLN A 354 -10.75 -10.31 -14.39
N TYR A 355 -10.66 -10.62 -13.08
CA TYR A 355 -10.55 -12.03 -12.69
C TYR A 355 -11.86 -12.56 -12.08
N LYS A 356 -12.98 -11.85 -12.28
CA LYS A 356 -14.23 -12.19 -11.59
C LYS A 356 -14.84 -13.54 -12.01
N ASP A 357 -14.37 -14.12 -13.12
CA ASP A 357 -14.89 -15.38 -13.63
C ASP A 357 -13.97 -16.54 -13.26
N LEU A 358 -12.90 -16.30 -12.50
CA LEU A 358 -12.12 -17.41 -12.00
C LEU A 358 -12.82 -17.96 -10.77
N PRO A 359 -12.53 -19.23 -10.45
CA PRO A 359 -12.83 -19.75 -9.11
C PRO A 359 -12.31 -18.83 -8.02
N VAL A 360 -13.07 -18.68 -6.94
CA VAL A 360 -12.82 -17.62 -5.97
C VAL A 360 -11.43 -17.88 -5.35
N ALA A 361 -10.98 -19.13 -5.26
CA ALA A 361 -9.68 -19.41 -4.67
C ALA A 361 -8.55 -18.77 -5.49
N LEU A 362 -8.79 -18.47 -6.76
CA LEU A 362 -7.76 -17.97 -7.69
C LEU A 362 -8.02 -16.50 -8.01
N ARG A 363 -8.98 -15.89 -7.29
CA ARG A 363 -9.26 -14.47 -7.50
C ARG A 363 -8.36 -13.58 -6.61
N GLU A 364 -7.09 -13.47 -6.99
CA GLU A 364 -6.10 -12.65 -6.33
C GLU A 364 -5.13 -12.25 -7.43
N GLY A 365 -4.24 -11.30 -7.11
CA GLY A 365 -3.17 -10.91 -7.99
C GLY A 365 -2.21 -12.07 -8.22
N ALA A 366 -1.46 -11.99 -9.30
CA ALA A 366 -0.43 -12.99 -9.54
C ALA A 366 0.46 -13.16 -8.30
N ASN A 367 0.80 -12.04 -7.69
CA ASN A 367 1.31 -11.96 -6.33
C ASN A 367 0.74 -10.68 -5.75
N PRO A 368 0.76 -10.47 -4.41
CA PRO A 368 0.14 -9.28 -3.85
C PRO A 368 0.70 -7.98 -4.40
N GLY A 369 1.98 -7.97 -4.80
CA GLY A 369 2.60 -6.87 -5.50
C GLY A 369 1.88 -6.40 -6.75
N PHE A 370 1.53 -7.35 -7.62
CA PHE A 370 0.77 -7.04 -8.83
C PHE A 370 -0.56 -6.34 -8.56
N HIS A 371 -1.27 -6.79 -7.51
CA HIS A 371 -2.51 -6.14 -7.13
C HIS A 371 -2.33 -4.64 -6.81
N GLU A 372 -1.24 -4.35 -6.11
CA GLU A 372 -0.92 -3.01 -5.70
C GLU A 372 -0.41 -2.16 -6.86
N ALA A 373 0.02 -2.80 -7.98
CA ALA A 373 0.83 -2.06 -8.96
C ALA A 373 -0.03 -1.41 -10.04
N ILE A 374 -1.19 -2.02 -10.35
CA ILE A 374 -1.96 -1.66 -11.51
C ILE A 374 -2.34 -0.14 -11.56
N GLY A 375 -2.98 0.33 -10.50
CA GLY A 375 -3.48 1.68 -10.46
C GLY A 375 -2.32 2.66 -10.49
N ASP A 376 -1.23 2.26 -9.86
CA ASP A 376 -0.04 3.11 -9.80
C ASP A 376 0.53 3.31 -11.20
N VAL A 377 0.55 2.25 -11.97
CA VAL A 377 1.06 2.36 -13.32
C VAL A 377 0.33 3.49 -14.05
N LEU A 378 -1.01 3.47 -14.08
CA LEU A 378 -1.78 4.53 -14.69
C LEU A 378 -1.47 5.88 -14.07
N ALA A 379 -1.37 5.96 -12.74
CA ALA A 379 -1.08 7.22 -12.08
C ALA A 379 0.28 7.80 -12.49
N LEU A 380 1.23 6.95 -12.90
CA LEU A 380 2.49 7.48 -13.35
C LEU A 380 2.27 8.36 -14.61
N SER A 381 1.36 7.93 -15.48
CA SER A 381 1.02 8.69 -16.68
C SER A 381 0.21 9.96 -16.35
N VAL A 382 -0.72 9.84 -15.39
CA VAL A 382 -1.56 10.92 -14.92
C VAL A 382 -0.70 12.07 -14.37
N SER A 383 0.39 11.73 -13.70
CA SER A 383 1.25 12.64 -12.97
C SER A 383 2.10 13.44 -13.93
N THR A 384 2.21 13.01 -15.19
CA THR A 384 3.11 13.71 -16.10
C THR A 384 2.66 15.15 -16.31
N PRO A 385 3.60 16.12 -16.49
CA PRO A 385 3.20 17.51 -16.75
C PRO A 385 2.21 17.65 -17.90
N LYS A 386 2.43 16.84 -18.94
CA LYS A 386 1.57 16.89 -20.11
C LYS A 386 0.16 16.43 -19.78
N HIS A 387 0.00 15.34 -18.99
CA HIS A 387 -1.34 14.91 -18.63
C HIS A 387 -2.01 15.94 -17.71
N LEU A 388 -1.27 16.44 -16.68
CA LEU A 388 -1.84 17.39 -15.74
C LEU A 388 -2.20 18.67 -16.48
N HIS A 389 -1.39 19.07 -17.48
CA HIS A 389 -1.78 20.19 -18.33
C HIS A 389 -3.14 19.94 -18.98
N SER A 390 -3.38 18.72 -19.46
CA SER A 390 -4.59 18.42 -20.21
C SER A 390 -5.78 18.39 -19.28
N LEU A 391 -5.54 18.29 -17.98
CA LEU A 391 -6.60 18.29 -17.02
C LEU A 391 -6.81 19.73 -16.54
N ASN A 392 -6.05 20.68 -17.07
CA ASN A 392 -6.02 22.07 -16.65
C ASN A 392 -5.56 22.27 -15.19
N LEU A 393 -4.56 21.51 -14.76
CA LEU A 393 -4.00 21.62 -13.41
C LEU A 393 -2.53 22.07 -13.47
N LEU A 394 -1.99 22.29 -14.66
CA LEU A 394 -0.64 22.84 -14.86
C LEU A 394 -0.67 23.69 -16.14
N SER A 395 0.24 24.69 -16.26
CA SER A 395 0.21 25.71 -17.31
C SER A 395 0.54 25.20 -18.73
N GLY A 399 8.54 22.16 -21.73
CA GLY A 399 9.74 22.21 -22.59
C GLY A 399 11.02 21.96 -21.80
N SER A 400 11.28 22.81 -20.80
CA SER A 400 12.61 23.09 -20.27
C SER A 400 13.16 21.94 -19.45
N ASP A 401 14.48 21.83 -19.52
CA ASP A 401 15.24 20.93 -18.68
C ASP A 401 14.89 21.23 -17.21
N GLU A 402 14.65 22.50 -16.90
CA GLU A 402 14.46 22.91 -15.53
C GLU A 402 13.15 22.30 -15.02
N HIS A 403 12.06 22.39 -15.82
CA HIS A 403 10.77 21.83 -15.45
C HIS A 403 10.89 20.30 -15.37
N ASP A 404 11.77 19.75 -16.17
CA ASP A 404 11.94 18.33 -16.23
C ASP A 404 12.59 17.77 -14.96
N ILE A 405 13.68 18.40 -14.49
CA ILE A 405 14.36 17.99 -13.26
C ILE A 405 13.43 18.24 -12.08
N ASN A 406 12.66 19.32 -12.14
CA ASN A 406 11.69 19.61 -11.11
C ASN A 406 10.66 18.47 -11.04
N PHE A 407 10.13 18.07 -12.19
CA PHE A 407 9.19 16.97 -12.24
C PHE A 407 9.78 15.68 -11.64
N LEU A 408 10.97 15.29 -12.05
CA LEU A 408 11.57 14.05 -11.64
C LEU A 408 11.79 14.12 -10.11
N MET A 409 12.11 15.32 -9.59
CA MET A 409 12.28 15.49 -8.13
C MET A 409 10.93 15.22 -7.44
N LYS A 410 9.86 15.84 -7.94
CA LYS A 410 8.55 15.59 -7.41
C LYS A 410 8.21 14.09 -7.37
N MET A 411 8.48 13.35 -8.46
CA MET A 411 8.21 11.94 -8.49
C MET A 411 9.12 11.23 -7.50
N ALA A 412 10.41 11.60 -7.44
CA ALA A 412 11.33 10.90 -6.57
C ALA A 412 10.88 11.00 -5.10
N LEU A 413 10.39 12.16 -4.70
CA LEU A 413 10.00 12.38 -3.33
C LEU A 413 8.87 11.43 -2.91
N ASP A 414 8.08 10.99 -3.87
CA ASP A 414 7.12 9.89 -3.64
C ASP A 414 7.74 8.50 -3.84
N LYS A 415 8.26 8.22 -5.02
CA LYS A 415 8.65 6.87 -5.36
C LYS A 415 9.91 6.38 -4.71
N ILE A 416 10.99 7.15 -4.75
CA ILE A 416 12.27 6.73 -4.20
C ILE A 416 12.22 6.72 -2.66
N ALA A 417 11.68 7.76 -2.07
CA ALA A 417 11.60 7.87 -0.61
C ALA A 417 10.83 6.71 0.01
N PHE A 418 9.83 6.18 -0.72
CA PHE A 418 9.05 5.08 -0.21
C PHE A 418 9.81 3.74 -0.21
N ILE A 419 10.90 3.61 -0.99
CA ILE A 419 11.55 2.33 -1.22
C ILE A 419 12.04 1.82 0.14
N PRO A 420 12.81 2.59 0.92
CA PRO A 420 13.25 2.05 2.19
C PRO A 420 12.14 1.85 3.22
N PHE A 421 11.13 2.71 3.20
CA PHE A 421 10.07 2.58 4.19
C PHE A 421 9.29 1.29 3.91
N SER A 422 9.01 1.04 2.62
CA SER A 422 8.21 -0.11 2.27
C SER A 422 8.95 -1.39 2.51
N TYR A 423 10.28 -1.31 2.49
CA TYR A 423 11.10 -2.47 2.76
C TYR A 423 11.18 -2.74 4.25
N LEU A 424 11.21 -1.69 5.10
CA LEU A 424 11.47 -1.99 6.50
C LEU A 424 10.26 -2.53 7.27
N VAL A 425 9.02 -2.20 6.87
CA VAL A 425 7.86 -2.52 7.69
C VAL A 425 7.81 -4.04 7.94
N ASP A 426 7.97 -4.86 6.96
CA ASP A 426 7.86 -6.30 7.17
C ASP A 426 9.21 -6.90 7.50
N GLN A 427 10.32 -6.16 7.33
CA GLN A 427 11.54 -6.62 7.95
C GLN A 427 11.34 -6.68 9.46
N TRP A 428 10.68 -5.64 10.00
CA TRP A 428 10.37 -5.58 11.41
C TRP A 428 9.35 -6.66 11.76
N ARG A 429 8.24 -6.72 11.05
CA ARG A 429 7.22 -7.70 11.44
C ARG A 429 7.69 -9.15 11.29
N TRP A 430 8.49 -9.46 10.25
CA TRP A 430 8.97 -10.81 10.10
C TRP A 430 9.75 -11.23 11.34
N ARG A 431 10.50 -10.29 11.94
CA ARG A 431 11.35 -10.59 13.07
C ARG A 431 10.52 -10.68 14.36
N VAL A 432 9.43 -9.90 14.41
CA VAL A 432 8.46 -10.03 15.49
C VAL A 432 7.84 -11.43 15.44
N PHE A 433 7.36 -11.80 14.27
CA PHE A 433 6.70 -13.11 14.14
C PHE A 433 7.63 -14.30 14.42
N ASP A 434 8.90 -14.21 13.96
CA ASP A 434 9.83 -15.31 14.17
C ASP A 434 10.40 -15.29 15.59
N GLY A 435 9.97 -14.36 16.42
CA GLY A 435 10.38 -14.29 17.80
C GLY A 435 11.77 -13.68 18.05
N SER A 436 12.48 -13.08 17.10
CA SER A 436 13.73 -12.42 17.45
C SER A 436 13.56 -11.00 17.99
N ILE A 437 12.39 -10.37 17.83
CA ILE A 437 12.02 -9.13 18.48
C ILE A 437 10.88 -9.51 19.40
N THR A 438 11.08 -9.30 20.72
CA THR A 438 10.06 -9.56 21.73
C THR A 438 9.37 -8.25 22.02
N LYS A 439 8.37 -8.28 22.92
CA LYS A 439 7.70 -7.05 23.25
C LYS A 439 8.56 -6.13 24.09
N GLU A 440 9.60 -6.61 24.77
CA GLU A 440 10.58 -5.73 25.38
C GLU A 440 11.31 -4.80 24.39
N ASN A 441 11.46 -5.17 23.11
CA ASN A 441 12.13 -4.25 22.25
C ASN A 441 11.46 -4.03 20.88
N TYR A 442 10.16 -4.18 20.84
CA TYR A 442 9.42 -3.78 19.64
C TYR A 442 9.92 -2.44 19.09
N ASN A 443 9.90 -1.44 20.00
CA ASN A 443 10.01 -0.05 19.61
C ASN A 443 11.43 0.24 19.18
N GLN A 444 12.37 -0.30 19.95
CA GLN A 444 13.79 -0.10 19.72
C GLN A 444 14.21 -0.72 18.39
N GLU A 445 13.65 -1.88 18.07
CA GLU A 445 14.05 -2.52 16.83
C GLU A 445 13.45 -1.76 15.65
N TRP A 446 12.26 -1.22 15.87
CA TRP A 446 11.61 -0.36 14.87
C TRP A 446 12.54 0.79 14.52
N TRP A 447 12.99 1.56 15.54
CA TRP A 447 13.81 2.74 15.30
C TRP A 447 15.19 2.37 14.76
N SER A 448 15.69 1.21 15.15
CA SER A 448 16.91 0.70 14.56
C SER A 448 16.81 0.47 13.05
N LEU A 449 15.64 0.05 12.54
CA LEU A 449 15.49 -0.10 11.12
C LEU A 449 15.13 1.20 10.41
N ARG A 450 14.32 2.05 11.07
CA ARG A 450 14.09 3.41 10.58
C ARG A 450 15.40 4.12 10.28
N LEU A 451 16.35 3.96 11.20
CA LEU A 451 17.70 4.48 11.07
C LEU A 451 18.44 3.76 9.92
N LYS A 452 18.53 2.43 9.97
CA LYS A 452 19.38 1.69 9.05
C LYS A 452 18.88 1.82 7.60
N TYR A 453 17.58 1.71 7.35
CA TYR A 453 17.11 1.76 5.97
C TYR A 453 16.79 3.19 5.51
N GLN A 454 16.03 3.99 6.33
CA GLN A 454 15.51 5.27 5.84
C GLN A 454 16.44 6.46 6.21
N GLY A 455 17.34 6.25 7.15
CA GLY A 455 18.20 7.32 7.65
C GLY A 455 17.43 8.38 8.40
N LEU A 456 16.50 7.93 9.24
CA LEU A 456 15.62 8.81 9.98
C LEU A 456 15.81 8.56 11.46
N CSO A 457 15.58 9.62 12.24
CA CSO A 457 15.70 9.51 13.70
CB CSO A 457 16.94 10.26 14.28
SG CSO A 457 17.07 12.03 13.86
C CSO A 457 14.42 10.09 14.30
O CSO A 457 13.76 10.92 13.66
OD CSO A 457 16.25 12.98 15.08
N PRO A 458 14.08 9.71 15.56
CA PRO A 458 12.84 10.23 16.16
C PRO A 458 13.08 11.65 16.69
N PRO A 459 12.24 12.68 16.50
CA PRO A 459 12.55 14.01 17.04
C PRO A 459 12.41 14.09 18.56
N VAL A 460 11.71 13.12 19.14
CA VAL A 460 11.64 13.04 20.58
C VAL A 460 12.09 11.66 21.00
N PRO A 461 13.01 11.53 21.98
CA PRO A 461 13.48 10.19 22.38
C PRO A 461 12.32 9.32 22.85
N ARG A 462 12.30 8.08 22.37
CA ARG A 462 11.19 7.20 22.70
C ARG A 462 11.34 6.73 24.16
N THR A 463 10.23 6.40 24.82
CA THR A 463 10.20 5.91 26.19
C THR A 463 9.51 4.55 26.23
N GLN A 464 9.56 3.89 27.42
CA GLN A 464 8.83 2.68 27.67
C GLN A 464 7.32 2.92 27.47
N GLY A 465 6.67 1.96 26.85
CA GLY A 465 5.24 2.11 26.57
C GLY A 465 4.96 2.67 25.17
N ASP A 466 5.96 3.24 24.48
CA ASP A 466 5.78 3.62 23.09
C ASP A 466 5.74 2.35 22.25
N PHE A 467 4.92 2.45 21.21
CA PHE A 467 4.80 1.46 20.16
C PHE A 467 4.39 2.20 18.88
N ASP A 468 5.39 2.80 18.29
CA ASP A 468 5.30 3.62 17.09
C ASP A 468 4.73 2.81 15.95
N PRO A 469 5.06 1.51 15.80
CA PRO A 469 4.45 0.73 14.74
C PRO A 469 2.95 0.72 14.75
N GLY A 470 2.38 0.83 15.94
CA GLY A 470 0.92 0.77 16.10
C GLY A 470 0.26 2.04 15.54
N ALA A 471 1.05 3.09 15.29
CA ALA A 471 0.54 4.32 14.70
C ALA A 471 0.52 4.30 13.16
N LYS A 472 0.84 3.17 12.57
CA LYS A 472 0.70 3.00 11.14
C LYS A 472 -0.35 1.93 10.89
N PHE A 473 -1.32 2.33 10.07
CA PHE A 473 -2.53 1.55 9.79
C PHE A 473 -2.31 0.05 9.63
N HIS A 474 -1.34 -0.35 8.79
CA HIS A 474 -1.20 -1.74 8.34
C HIS A 474 -0.86 -2.66 9.51
N ILE A 475 -0.33 -2.06 10.55
CA ILE A 475 0.12 -2.81 11.73
C ILE A 475 -1.06 -3.28 12.56
N PRO A 476 -1.89 -2.39 13.15
CA PRO A 476 -3.11 -2.87 13.83
C PRO A 476 -4.16 -3.59 12.94
N SER A 477 -4.19 -3.23 11.63
CA SER A 477 -5.12 -3.87 10.69
C SER A 477 -4.58 -5.19 10.14
N SER A 478 -3.33 -5.58 10.45
CA SER A 478 -2.75 -6.86 10.03
C SER A 478 -2.79 -7.05 8.50
N VAL A 479 -2.36 -6.01 7.79
CA VAL A 479 -2.23 -6.00 6.35
C VAL A 479 -0.75 -6.04 6.03
N PRO A 480 -0.28 -7.08 5.30
CA PRO A 480 1.14 -7.21 4.97
C PRO A 480 1.61 -6.01 4.15
N TYR A 481 2.89 -5.65 4.29
CA TYR A 481 3.45 -4.44 3.71
C TYR A 481 4.41 -4.66 2.54
N ILE A 482 5.09 -5.79 2.41
CA ILE A 482 6.14 -5.96 1.43
C ILE A 482 5.56 -5.85 0.01
N ARG A 483 4.30 -6.22 -0.19
CA ARG A 483 3.59 -5.98 -1.44
C ARG A 483 3.80 -4.55 -2.00
N TYR A 484 3.94 -3.53 -1.11
CA TYR A 484 4.09 -2.15 -1.61
C TYR A 484 5.51 -1.90 -2.14
N PHE A 485 6.50 -2.51 -1.49
CA PHE A 485 7.87 -2.52 -1.99
C PHE A 485 7.95 -3.21 -3.34
N VAL A 486 7.40 -4.42 -3.47
CA VAL A 486 7.37 -5.11 -4.77
C VAL A 486 6.66 -4.20 -5.80
N SER A 487 5.53 -3.62 -5.41
CA SER A 487 4.73 -2.78 -6.29
C SER A 487 5.58 -1.66 -6.91
N PHE A 488 6.29 -0.95 -6.06
CA PHE A 488 7.03 0.23 -6.51
C PHE A 488 8.11 -0.18 -7.49
N ILE A 489 8.71 -1.36 -7.33
CA ILE A 489 9.72 -1.81 -8.30
C ILE A 489 9.06 -2.21 -9.63
N ILE A 490 8.05 -3.06 -9.59
CA ILE A 490 7.48 -3.66 -10.81
C ILE A 490 6.59 -2.67 -11.52
N GLN A 491 6.06 -1.66 -10.80
CA GLN A 491 5.23 -0.68 -11.50
C GLN A 491 6.01 0.07 -12.60
N PHE A 492 7.30 0.34 -12.35
CA PHE A 492 8.18 0.96 -13.30
C PHE A 492 8.46 -0.01 -14.44
N GLN A 493 8.72 -1.30 -14.13
CA GLN A 493 8.88 -2.26 -15.24
C GLN A 493 7.62 -2.32 -16.11
N PHE A 494 6.44 -2.18 -15.51
CA PHE A 494 5.20 -2.21 -16.27
C PHE A 494 5.08 -0.94 -17.12
N HIS A 495 5.36 0.20 -16.53
CA HIS A 495 5.35 1.44 -17.28
C HIS A 495 6.26 1.37 -18.52
N GLU A 496 7.50 0.99 -18.30
CA GLU A 496 8.47 0.78 -19.36
C GLU A 496 7.90 -0.10 -20.48
N ALA A 497 7.33 -1.25 -20.10
CA ALA A 497 6.86 -2.19 -21.12
C ALA A 497 5.65 -1.60 -21.84
N LEU A 498 4.74 -0.95 -21.11
CA LEU A 498 3.54 -0.37 -21.70
C LEU A 498 3.90 0.76 -22.63
N CYS A 499 4.90 1.54 -22.24
CA CYS A 499 5.32 2.66 -23.05
C CYS A 499 5.89 2.15 -24.37
N GLN A 500 6.77 1.16 -24.31
CA GLN A 500 7.32 0.54 -25.51
C GLN A 500 6.18 -0.03 -26.39
N ALA A 501 5.24 -0.73 -25.76
CA ALA A 501 4.12 -1.24 -26.52
C ALA A 501 3.34 -0.12 -27.19
N ALA A 502 3.18 1.02 -26.50
CA ALA A 502 2.43 2.14 -27.05
C ALA A 502 3.22 2.97 -28.09
N GLY A 503 4.45 2.58 -28.46
CA GLY A 503 5.26 3.33 -29.42
C GLY A 503 5.98 4.60 -28.87
N HIS A 504 5.98 4.86 -27.55
CA HIS A 504 6.71 6.01 -27.02
C HIS A 504 8.20 5.80 -27.28
N THR A 505 8.91 6.88 -27.54
CA THR A 505 10.35 6.88 -27.67
C THR A 505 10.81 8.13 -26.93
N GLY A 506 12.08 8.17 -26.57
CA GLY A 506 12.55 9.26 -25.74
C GLY A 506 12.52 8.83 -24.28
N PRO A 507 12.84 9.76 -23.38
CA PRO A 507 13.08 9.39 -21.97
C PRO A 507 11.77 8.80 -21.42
N LEU A 508 11.93 7.76 -20.62
CA LEU A 508 10.80 7.01 -20.10
C LEU A 508 9.88 7.89 -19.27
N HIS A 509 10.44 8.83 -18.52
CA HIS A 509 9.63 9.71 -17.68
C HIS A 509 8.69 10.63 -18.45
N LYS A 510 8.86 10.74 -19.78
CA LYS A 510 7.99 11.61 -20.60
C LYS A 510 6.78 10.85 -21.12
N CYS A 511 6.73 9.54 -20.93
CA CYS A 511 5.64 8.70 -21.43
C CYS A 511 4.32 8.92 -20.70
N ASP A 512 3.26 8.90 -21.51
CA ASP A 512 1.89 8.97 -21.06
C ASP A 512 1.12 7.98 -21.90
N ILE A 513 0.55 6.97 -21.26
CA ILE A 513 0.04 5.86 -22.05
C ILE A 513 -1.44 6.08 -22.32
N TYR A 514 -1.95 7.25 -22.01
CA TYR A 514 -3.38 7.50 -22.11
C TYR A 514 -3.87 7.11 -23.48
N GLN A 515 -4.90 6.26 -23.53
CA GLN A 515 -5.64 5.87 -24.72
C GLN A 515 -4.94 4.74 -25.48
N SER A 516 -3.85 4.17 -24.96
CA SER A 516 -3.19 3.09 -25.67
C SER A 516 -3.87 1.74 -25.46
N LYS A 517 -4.38 1.19 -26.55
CA LYS A 517 -5.07 -0.08 -26.51
C LYS A 517 -4.05 -1.20 -26.39
N GLU A 518 -2.88 -1.01 -26.99
CA GLU A 518 -1.81 -2.01 -26.92
C GLU A 518 -1.42 -2.19 -25.45
N ALA A 519 -1.43 -1.08 -24.70
CA ALA A 519 -0.97 -1.07 -23.33
C ALA A 519 -2.04 -1.74 -22.48
N GLY A 520 -3.31 -1.35 -22.67
CA GLY A 520 -4.45 -1.99 -22.02
C GLY A 520 -4.49 -3.53 -22.20
N GLN A 521 -4.20 -3.99 -23.40
CA GLN A 521 -4.30 -5.39 -23.74
C GLN A 521 -3.24 -6.21 -23.00
N ARG A 522 -2.04 -5.68 -22.84
CA ARG A 522 -1.07 -6.37 -22.00
C ARG A 522 -1.53 -6.50 -20.55
N LEU A 523 -2.03 -5.41 -20.00
CA LEU A 523 -2.47 -5.45 -18.61
C LEU A 523 -3.61 -6.46 -18.45
N ALA A 524 -4.58 -6.43 -19.38
CA ALA A 524 -5.79 -7.24 -19.28
C ALA A 524 -5.45 -8.74 -19.31
N THR A 525 -4.54 -9.16 -20.19
CA THR A 525 -4.30 -10.62 -20.28
C THR A 525 -3.57 -11.08 -19.01
N ALA A 526 -2.76 -10.19 -18.42
CA ALA A 526 -2.11 -10.54 -17.17
C ALA A 526 -3.10 -10.60 -15.99
N MET A 527 -4.01 -9.62 -15.92
CA MET A 527 -4.92 -9.54 -14.79
C MET A 527 -5.92 -10.69 -14.85
N LYS A 528 -6.24 -11.14 -16.07
CA LYS A 528 -7.16 -12.27 -16.25
C LYS A 528 -6.60 -13.58 -15.67
N LEU A 529 -5.30 -13.74 -15.55
CA LEU A 529 -4.73 -14.96 -14.98
C LEU A 529 -5.09 -15.06 -13.50
N GLY A 530 -5.39 -13.93 -12.87
CA GLY A 530 -5.57 -13.97 -11.44
C GLY A 530 -4.37 -14.63 -10.77
N PHE A 531 -4.68 -15.57 -9.89
CA PHE A 531 -3.69 -16.37 -9.17
C PHE A 531 -3.58 -17.77 -9.77
N SER A 532 -3.98 -17.92 -11.01
CA SER A 532 -4.05 -19.26 -11.62
C SER A 532 -2.70 -19.83 -11.99
N ARG A 533 -1.67 -18.97 -12.17
CA ARG A 533 -0.32 -19.45 -12.54
C ARG A 533 0.81 -18.80 -11.72
N PRO A 534 2.05 -19.33 -11.65
CA PRO A 534 3.14 -18.63 -10.98
C PRO A 534 3.26 -17.20 -11.55
N TRP A 535 3.56 -16.23 -10.68
CA TRP A 535 3.59 -14.83 -11.09
C TRP A 535 4.64 -14.51 -12.16
N PRO A 536 5.75 -15.26 -12.35
CA PRO A 536 6.65 -14.99 -13.50
C PRO A 536 5.96 -14.99 -14.86
N GLU A 537 4.84 -15.71 -14.99
CA GLU A 537 4.11 -15.78 -16.26
C GLU A 537 3.38 -14.47 -16.52
N ALA A 538 2.72 -13.91 -15.49
CA ALA A 538 2.12 -12.61 -15.62
C ALA A 538 3.22 -11.56 -15.86
N MET A 539 4.36 -11.64 -15.17
CA MET A 539 5.46 -10.71 -15.47
C MET A 539 5.86 -10.77 -16.95
N GLN A 540 5.92 -12.02 -17.52
CA GLN A 540 6.41 -12.26 -18.87
C GLN A 540 5.42 -11.70 -19.87
N LEU A 541 4.11 -11.88 -19.60
CA LEU A 541 3.06 -11.32 -20.39
C LEU A 541 3.15 -9.80 -20.47
N ILE A 542 3.44 -9.12 -19.39
CA ILE A 542 3.46 -7.67 -19.51
C ILE A 542 4.77 -7.19 -20.12
N THR A 543 5.89 -7.74 -19.66
CA THR A 543 7.19 -7.10 -19.87
C THR A 543 8.07 -7.89 -20.85
N GLY A 544 7.63 -9.08 -21.24
CA GLY A 544 8.44 -9.95 -22.09
C GLY A 544 9.66 -10.56 -21.43
N GLN A 545 9.72 -10.56 -20.09
CA GLN A 545 10.72 -11.32 -19.38
C GLN A 545 10.14 -11.67 -18.01
N PRO A 546 10.71 -12.59 -17.21
CA PRO A 546 9.99 -13.03 -16.00
C PRO A 546 10.44 -12.59 -14.60
N GLN A 547 11.46 -11.77 -14.54
CA GLN A 547 12.01 -11.34 -13.26
C GLN A 547 11.49 -10.01 -12.79
N MET A 548 11.62 -9.79 -11.51
CA MET A 548 11.52 -8.45 -10.98
C MET A 548 12.87 -7.75 -11.20
N SER A 549 12.93 -6.45 -11.46
CA SER A 549 14.18 -5.77 -11.79
C SER A 549 14.00 -4.30 -11.49
N ALA A 550 15.02 -3.74 -10.86
CA ALA A 550 15.09 -2.32 -10.59
C ALA A 550 15.51 -1.51 -11.82
N SER A 551 15.87 -2.18 -12.96
CA SER A 551 16.52 -1.43 -14.03
C SER A 551 15.52 -0.41 -14.65
N ALA A 552 14.22 -0.70 -14.65
CA ALA A 552 13.26 0.26 -15.20
C ALA A 552 13.12 1.54 -14.35
N MET A 553 13.08 1.35 -13.03
CA MET A 553 12.95 2.49 -12.11
C MET A 553 14.26 3.30 -12.17
N LEU A 554 15.41 2.63 -12.25
CA LEU A 554 16.66 3.38 -12.41
C LEU A 554 16.67 4.14 -13.72
N SER A 555 16.23 3.51 -14.80
CA SER A 555 16.21 4.19 -16.07
C SER A 555 15.28 5.41 -16.01
N TYR A 556 14.07 5.27 -15.45
CA TYR A 556 13.20 6.42 -15.28
C TYR A 556 13.94 7.60 -14.62
N PHE A 557 14.64 7.36 -13.48
CA PHE A 557 15.19 8.43 -12.64
C PHE A 557 16.65 8.81 -13.00
N LYS A 558 17.28 8.12 -13.95
CA LYS A 558 18.64 8.37 -14.36
C LYS A 558 18.95 9.86 -14.54
N PRO A 559 18.19 10.71 -15.25
CA PRO A 559 18.52 12.14 -15.35
C PRO A 559 18.55 12.82 -13.99
N LEU A 560 17.72 12.33 -13.06
CA LEU A 560 17.70 12.91 -11.74
C LEU A 560 18.92 12.44 -10.99
N LEU A 561 19.26 11.16 -11.15
CA LEU A 561 20.45 10.65 -10.47
C LEU A 561 21.68 11.49 -10.87
N ASP A 562 21.83 11.83 -12.16
CA ASP A 562 22.98 12.57 -12.62
C ASP A 562 23.00 13.95 -11.96
N TRP A 563 21.82 14.62 -11.91
CA TRP A 563 21.67 15.93 -11.33
C TRP A 563 21.97 15.95 -9.81
N LEU A 564 21.51 14.91 -9.11
CA LEU A 564 21.70 14.81 -7.66
C LEU A 564 23.18 14.65 -7.33
N ARG A 565 23.83 13.79 -8.08
CA ARG A 565 25.27 13.60 -7.91
C ARG A 565 26.07 14.88 -8.11
N THR A 566 25.89 15.57 -9.24
CA THR A 566 26.52 16.87 -9.46
C THR A 566 26.23 17.86 -8.33
N GLU A 567 24.96 17.94 -7.88
CA GLU A 567 24.50 18.87 -6.85
C GLU A 567 25.14 18.57 -5.50
N ASN A 568 25.12 17.30 -5.14
CA ASN A 568 25.63 16.84 -3.85
C ASN A 568 27.13 17.05 -3.82
N GLU A 569 27.81 16.80 -4.97
CA GLU A 569 29.27 16.86 -5.04
C GLU A 569 29.67 18.33 -4.84
N LEU A 570 28.93 19.21 -5.50
CA LEU A 570 29.18 20.65 -5.47
C LEU A 570 29.14 21.18 -4.04
N HIS A 571 28.27 20.57 -3.20
CA HIS A 571 28.02 21.02 -1.86
C HIS A 571 28.85 20.24 -0.88
N GLY A 572 29.56 19.25 -1.36
CA GLY A 572 30.36 18.38 -0.51
C GLY A 572 29.54 17.49 0.42
N GLU A 573 28.41 16.93 -0.04
CA GLU A 573 27.64 16.18 0.90
C GLU A 573 28.37 14.88 1.19
N LYS A 574 28.30 14.44 2.44
CA LYS A 574 28.67 13.10 2.81
C LYS A 574 27.42 12.23 2.85
N LEU A 575 27.25 11.38 1.87
CA LEU A 575 26.06 10.53 1.75
C LEU A 575 25.94 9.58 2.92
N GLY A 576 24.73 9.21 3.37
CA GLY A 576 24.66 8.28 4.49
C GLY A 576 24.70 8.99 5.84
N TRP A 577 24.76 8.13 6.86
CA TRP A 577 24.69 8.57 8.27
C TRP A 577 25.33 7.43 9.06
N PRO A 578 25.65 7.60 10.34
CA PRO A 578 26.17 6.49 11.12
C PRO A 578 25.04 5.63 11.69
C1 NAG B . -7.70 -28.66 -15.61
C2 NAG B . -7.71 -28.65 -17.13
C3 NAG B . -8.10 -27.26 -17.63
C4 NAG B . -9.35 -26.72 -16.93
C5 NAG B . -9.19 -26.83 -15.43
C6 NAG B . -10.40 -26.35 -14.65
C7 NAG B . -6.23 -30.26 -18.33
C8 NAG B . -5.02 -31.11 -18.04
N2 NAG B . -6.42 -29.14 -17.64
O3 NAG B . -8.40 -27.28 -19.01
O4 NAG B . -9.51 -25.34 -17.26
O5 NAG B . -8.95 -28.20 -15.10
O6 NAG B . -11.62 -27.00 -15.07
O7 NAG B . -7.06 -30.60 -19.19
C1 NAG B . -10.63 -24.87 -17.93
C2 NAG B . -10.63 -23.36 -17.70
C3 NAG B . -11.69 -22.67 -18.56
C4 NAG B . -11.67 -23.10 -20.02
C5 NAG B . -11.65 -24.63 -20.05
C6 NAG B . -11.58 -25.20 -21.45
C7 NAG B . -10.08 -22.47 -15.44
C8 NAG B . -10.72 -21.99 -14.18
N2 NAG B . -10.92 -23.05 -16.31
O3 NAG B . -11.47 -21.29 -18.41
O4 NAG B . -12.83 -22.59 -20.74
O5 NAG B . -10.52 -25.16 -19.32
O6 NAG B . -10.24 -25.21 -21.88
O7 NAG B . -8.88 -22.39 -15.66
C1 BMA B . -12.88 -21.39 -21.47
C2 BMA B . -12.78 -21.44 -23.02
C3 BMA B . -13.36 -20.21 -23.80
C4 BMA B . -14.65 -19.80 -23.15
C5 BMA B . -14.35 -19.53 -21.68
C6 BMA B . -15.46 -18.87 -20.89
O2 BMA B . -13.38 -22.63 -23.52
O3 BMA B . -13.57 -20.44 -25.21
O4 BMA B . -15.19 -18.67 -23.77
O5 BMA B . -14.13 -20.81 -21.07
O6 BMA B . -14.94 -18.53 -19.63
C1 FUC B . -12.80 -26.31 -14.77
C2 FUC B . -13.96 -26.99 -15.48
C3 FUC B . -14.00 -28.45 -15.01
C4 FUC B . -14.30 -28.42 -13.53
C5 FUC B . -13.12 -27.76 -12.84
C6 FUC B . -13.33 -27.63 -11.34
O2 FUC B . -13.89 -26.79 -16.89
O3 FUC B . -14.95 -29.22 -15.73
O4 FUC B . -15.50 -27.64 -13.23
O5 FUC B . -12.95 -26.40 -13.36
ZN ZN C . -3.62 -1.18 -2.56
CL CL D . 7.28 5.96 13.52
CL CL E . 2.47 -9.03 0.76
N1 IMD F . 6.33 10.73 25.00
C2 IMD F . 6.23 9.44 24.51
N3 IMD F . 7.46 9.07 24.10
C4 IMD F . 8.33 10.09 24.30
C5 IMD F . 7.62 11.13 24.86
C1 EDO G . -10.02 -4.77 4.05
O1 EDO G . -10.47 -5.98 3.48
C2 EDO G . -10.43 -3.83 3.03
O2 EDO G . -11.15 -4.61 2.07
CAA X94 H . -6.48 -2.68 3.08
CAH X94 H . -5.32 -2.04 2.30
CAK X94 H . -5.67 -0.61 1.95
CAU X94 H . -4.52 0.14 1.25
CAP X94 H . -4.40 -0.32 -0.21
OAF X94 H . -5.33 0.05 -0.98
OAC X94 H . -3.46 -1.09 -0.50
N X94 H . -4.76 1.57 1.36
CA X94 H . -3.80 2.41 0.67
CB X94 H . -4.32 3.84 0.77
C X94 H . -2.42 2.27 1.31
O X94 H . -2.34 1.94 2.51
NAX X94 H . -1.29 2.45 0.56
CAW X94 H . -1.17 2.69 -0.91
CAL X94 H . 0.89 2.83 -2.52
CAI X94 H . 0.48 4.23 -2.87
CAJ X94 H . -1.01 4.42 -2.67
CAM X94 H . -1.54 4.12 -1.26
CAT X94 H . 0.32 2.35 -1.16
CAN X94 H . 0.99 2.88 0.11
CAV X94 H . 0.04 2.47 1.23
CAQ X94 H . 0.10 3.44 2.46
OAD X94 H . -0.56 4.48 2.39
OAG X94 H . 0.83 3.14 3.46
C1 NAG I . -17.77 -18.64 -14.43
C2 NAG I . -18.56 -17.85 -13.37
C3 NAG I . -17.81 -17.80 -12.02
C4 NAG I . -17.30 -19.17 -11.56
C5 NAG I . -16.57 -19.91 -12.70
C6 NAG I . -16.42 -21.38 -12.35
C7 NAG I . -20.06 -16.30 -14.66
C8 NAG I . -20.30 -14.91 -15.21
N2 NAG I . -18.95 -16.54 -13.92
O3 NAG I . -18.59 -17.27 -10.95
O4 NAG I . -16.45 -19.02 -10.41
O5 NAG I . -17.23 -19.87 -14.00
O6 NAG I . -16.09 -21.58 -10.97
O7 NAG I . -20.88 -17.19 -14.85
C1 NAG J . -25.40 2.71 11.26
C2 NAG J . -26.65 2.89 10.42
C3 NAG J . -27.93 2.73 11.25
C4 NAG J . -27.88 1.47 12.12
C5 NAG J . -26.65 1.59 13.01
C6 NAG J . -26.44 0.50 14.04
C7 NAG J . -26.16 4.05 8.34
C8 NAG J . -25.68 5.31 7.67
N2 NAG J . -26.45 4.11 9.65
O3 NAG J . -29.04 2.65 10.37
O4 NAG J . -29.09 1.26 12.87
O5 NAG J . -25.52 1.55 12.11
O6 NAG J . -26.27 -0.74 13.35
O7 NAG J . -26.30 3.01 7.72
C1 EDO K . 19.76 5.05 -12.89
O1 EDO K . 19.29 6.15 -12.09
C2 EDO K . 21.19 4.91 -13.35
O2 EDO K . 21.90 3.90 -12.54
C1 EDO L . -6.17 -6.06 -1.18
O1 EDO L . -6.21 -4.72 -0.76
C2 EDO L . -7.14 -6.36 -2.26
O2 EDO L . -6.56 -7.24 -3.22
C1 EDO M . 1.48 7.62 -0.07
O1 EDO M . 2.03 7.98 1.16
C2 EDO M . 0.38 8.55 -0.41
O2 EDO M . 0.24 8.50 -1.81
C1 EDO N . 22.93 1.53 10.34
O1 EDO N . 22.24 1.49 11.58
C2 EDO N . 22.97 2.85 9.67
O2 EDO N . 24.11 3.04 8.78
C1 EDO O . 24.25 3.49 5.70
O1 EDO O . 24.63 4.87 5.86
C2 EDO O . 23.98 3.17 4.28
O2 EDO O . 22.56 2.88 3.99
#